data_5J8F
#
_entry.id   5J8F
#
_cell.length_a   46.094
_cell.length_b   55.846
_cell.length_c   122.405
_cell.angle_alpha   90.00
_cell.angle_beta   90.00
_cell.angle_gamma   90.00
#
_symmetry.space_group_name_H-M   'P 21 21 21'
#
loop_
_entity.id
_entity.type
_entity.pdbx_description
1 polymer 'Histone acetyltransferase KAT8'
2 non-polymer 'ZINC ION'
3 non-polymer 'CHLORIDE ION'
4 water water
#
_entity_poly.entity_id   1
_entity_poly.type   'polypeptide(L)'
_entity_poly.pdbx_seq_one_letter_code
;MGSSHHHHHHDYDIPTTENLYFQGSKYVDKIHIGNYEIDAWYFSPFPEDYGKQPKLWLCEYCLKYMKYEKSYRFHLGQCQ
WRQPPGKEIYRKSNISVYEVDGKDHKIYCQNLCLLAKLFLDHPTLYFDVEPFVFYILTEVDRQGAHIVGYFSKEKESPDG
NNVACILTLPPYQRRGYGKFLIAFSYELSKLESTVGSPEKPLSDLGKLSYRSYWSWVLLEILRDFRGTLSIKDLSQMTSI
TQNDIISTLQSLNMVKYWKGQHVICVTPKLVEEHLKSAQYKKPPITVDSVCLKWAPPKHKQVKLSKK
;
_entity_poly.pdbx_strand_id   A
#
loop_
_chem_comp.id
_chem_comp.type
_chem_comp.name
_chem_comp.formula
CL non-polymer 'CHLORIDE ION' 'Cl -1'
ZN non-polymer 'ZINC ION' 'Zn 2'
#
# COMPACT_ATOMS: atom_id res chain seq x y z
CA SER A 25 10.54 -30.00 -1.23
C SER A 25 9.25 -29.17 -1.30
N LYS A 26 8.38 -29.39 -0.32
CA LYS A 26 7.08 -28.73 -0.27
C LYS A 26 7.19 -27.28 0.17
N TYR A 27 6.41 -26.40 -0.47
CA TYR A 27 6.38 -25.00 -0.11
C TYR A 27 5.25 -24.73 0.88
N VAL A 28 5.32 -23.56 1.51
CA VAL A 28 4.18 -23.01 2.21
C VAL A 28 3.07 -22.74 1.19
N ASP A 29 1.88 -23.28 1.44
CA ASP A 29 0.73 -23.05 0.57
C ASP A 29 -0.49 -22.50 1.28
N LYS A 30 -0.55 -22.58 2.60
CA LYS A 30 -1.68 -22.12 3.38
C LYS A 30 -1.14 -21.48 4.65
N ILE A 31 -1.72 -20.34 5.04
CA ILE A 31 -1.38 -19.71 6.31
C ILE A 31 -2.66 -19.48 7.10
N HIS A 32 -2.49 -19.38 8.41
CA HIS A 32 -3.54 -18.99 9.33
C HIS A 32 -3.11 -17.73 10.05
N ILE A 33 -3.93 -16.69 9.97
CA ILE A 33 -3.59 -15.39 10.55
C ILE A 33 -4.84 -14.77 11.14
N GLY A 34 -4.79 -14.44 12.43
CA GLY A 34 -5.98 -14.07 13.15
C GLY A 34 -7.08 -15.09 12.95
N ASN A 35 -8.14 -14.70 12.22
CA ASN A 35 -9.26 -15.58 11.94
C ASN A 35 -9.34 -16.00 10.47
N TYR A 36 -8.41 -15.58 9.63
CA TYR A 36 -8.45 -15.94 8.22
C TYR A 36 -7.50 -17.09 7.92
N GLU A 37 -7.89 -17.92 6.98
CA GLU A 37 -7.03 -18.88 6.32
C GLU A 37 -6.81 -18.37 4.91
N ILE A 38 -5.56 -18.36 4.46
CA ILE A 38 -5.23 -17.83 3.13
C ILE A 38 -4.31 -18.79 2.39
N ASP A 39 -4.75 -19.20 1.20
CA ASP A 39 -3.90 -19.93 0.29
C ASP A 39 -2.77 -19.01 -0.18
N ALA A 40 -1.65 -19.60 -0.55
CA ALA A 40 -0.55 -18.86 -1.13
C ALA A 40 -0.72 -18.76 -2.64
N TRP A 41 -0.16 -17.70 -3.21
CA TRP A 41 -0.09 -17.51 -4.65
C TRP A 41 1.30 -17.72 -5.21
N TYR A 42 2.33 -17.64 -4.37
CA TYR A 42 3.70 -17.60 -4.85
C TYR A 42 4.62 -18.29 -3.86
N PHE A 43 5.78 -18.72 -4.35
CA PHE A 43 6.81 -19.22 -3.48
C PHE A 43 7.26 -18.12 -2.53
N SER A 44 7.35 -18.45 -1.24
CA SER A 44 7.93 -17.55 -0.26
C SER A 44 9.04 -18.30 0.48
N PRO A 45 10.21 -17.71 0.66
CA PRO A 45 11.37 -18.48 1.11
C PRO A 45 11.45 -18.77 2.60
N PHE A 46 10.36 -19.23 3.21
CA PHE A 46 10.40 -19.74 4.59
C PHE A 46 11.41 -20.87 4.67
N PRO A 47 11.97 -21.18 5.85
CA PRO A 47 12.87 -22.32 5.95
C PRO A 47 12.19 -23.62 5.54
N GLU A 48 13.01 -24.56 5.05
CA GLU A 48 12.53 -25.85 4.59
C GLU A 48 11.58 -26.51 5.59
N ASP A 49 11.94 -26.47 6.88
CA ASP A 49 11.13 -27.13 7.90
C ASP A 49 9.77 -26.47 8.08
N TYR A 50 9.59 -25.25 7.57
CA TYR A 50 8.28 -24.60 7.64
C TYR A 50 7.42 -24.90 6.41
N GLY A 51 8.03 -24.91 5.22
CA GLY A 51 7.28 -25.22 4.02
C GLY A 51 6.67 -26.60 4.02
N LYS A 52 7.20 -27.52 4.83
CA LYS A 52 6.75 -28.90 4.81
C LYS A 52 5.49 -29.15 5.63
N GLN A 53 5.16 -28.25 6.56
CA GLN A 53 3.95 -28.42 7.33
C GLN A 53 2.73 -28.25 6.42
N PRO A 54 1.62 -28.93 6.73
CA PRO A 54 0.39 -28.67 5.96
C PRO A 54 -0.04 -27.21 6.00
N LYS A 55 0.11 -26.54 7.15
CA LYS A 55 -0.30 -25.16 7.30
C LYS A 55 0.69 -24.40 8.17
N LEU A 56 0.63 -23.06 8.10
CA LEU A 56 1.49 -22.16 8.85
C LEU A 56 0.66 -21.14 9.63
N TRP A 57 1.23 -20.65 10.72
CA TRP A 57 0.51 -19.90 11.75
C TRP A 57 1.36 -18.77 12.28
N LEU A 58 0.71 -17.63 12.48
CA LEU A 58 1.38 -16.40 12.82
C LEU A 58 0.54 -15.62 13.82
N CYS A 59 1.20 -14.96 14.78
CA CYS A 59 0.68 -13.74 15.38
C CYS A 59 0.09 -12.83 14.30
N GLU A 60 -1.17 -12.46 14.45
CA GLU A 60 -1.58 -11.33 13.65
C GLU A 60 -0.94 -10.03 14.13
N TYR A 61 -0.31 -10.01 15.31
CA TYR A 61 0.30 -8.78 15.86
C TYR A 61 1.81 -8.74 15.71
N CYS A 62 2.54 -9.75 16.20
CA CYS A 62 3.99 -9.72 16.11
C CYS A 62 4.54 -10.42 14.86
N LEU A 63 3.72 -11.25 14.21
CA LEU A 63 4.00 -11.91 12.94
C LEU A 63 4.99 -13.08 13.05
N LYS A 64 5.24 -13.60 14.24
CA LYS A 64 5.95 -14.86 14.40
C LYS A 64 5.24 -15.97 13.63
N TYR A 65 5.97 -16.71 12.80
CA TYR A 65 5.36 -17.84 12.11
C TYR A 65 5.68 -19.13 12.85
N MET A 66 4.72 -20.08 12.80
CA MET A 66 4.80 -21.29 13.61
C MET A 66 4.37 -22.49 12.78
N LYS A 67 4.73 -23.69 13.27
CA LYS A 67 4.54 -24.93 12.51
C LYS A 67 3.31 -25.71 12.92
N TYR A 68 2.78 -25.51 14.13
CA TYR A 68 1.69 -26.32 14.65
C TYR A 68 0.61 -25.44 15.25
N GLU A 69 -0.62 -25.98 15.23
CA GLU A 69 -1.72 -25.35 15.94
C GLU A 69 -1.42 -25.25 17.43
N LYS A 70 -0.81 -26.29 18.01
CA LYS A 70 -0.59 -26.30 19.46
C LYS A 70 0.39 -25.19 19.90
N SER A 71 1.42 -24.93 19.09
CA SER A 71 2.33 -23.85 19.42
C SER A 71 1.78 -22.48 19.04
N TYR A 72 0.87 -22.42 18.07
CA TYR A 72 0.08 -21.21 17.85
C TYR A 72 -0.76 -20.89 19.07
N ARG A 73 -1.43 -21.91 19.63
CA ARG A 73 -2.32 -21.70 20.76
C ARG A 73 -1.57 -21.16 21.97
N PHE A 74 -0.42 -21.77 22.28
CA PHE A 74 0.39 -21.26 23.38
C PHE A 74 0.78 -19.81 23.15
N HIS A 75 1.12 -19.48 21.91
CA HIS A 75 1.58 -18.13 21.63
C HIS A 75 0.44 -17.12 21.75
N LEU A 76 -0.75 -17.48 21.24
CA LEU A 76 -1.91 -16.59 21.37
C LEU A 76 -2.13 -16.17 22.82
N GLY A 77 -1.97 -17.10 23.76
CA GLY A 77 -2.15 -16.80 25.17
C GLY A 77 -0.98 -16.12 25.85
N GLN A 78 0.18 -16.08 25.20
CA GLN A 78 1.36 -15.46 25.79
C GLN A 78 1.73 -14.12 25.16
N CYS A 79 1.45 -13.93 23.88
CA CYS A 79 1.89 -12.71 23.22
C CYS A 79 1.20 -11.48 23.80
N GLN A 80 2.01 -10.48 24.17
CA GLN A 80 1.49 -9.25 24.71
C GLN A 80 1.16 -8.21 23.64
N TRP A 81 1.64 -8.41 22.42
CA TRP A 81 1.41 -7.42 21.38
C TRP A 81 -0.05 -7.41 20.95
N ARG A 82 -0.61 -6.20 20.83
CA ARG A 82 -1.96 -6.00 20.31
C ARG A 82 -1.97 -4.96 19.20
N GLN A 83 -0.83 -4.71 18.56
CA GLN A 83 -0.69 -3.73 17.49
C GLN A 83 0.69 -3.87 16.85
N PRO A 84 0.94 -3.26 15.70
CA PRO A 84 2.29 -3.28 15.12
C PRO A 84 3.29 -2.58 16.02
N PRO A 85 4.61 -2.73 15.78
CA PRO A 85 5.61 -2.33 16.77
C PRO A 85 6.29 -0.98 16.57
N GLY A 86 5.77 -0.13 15.68
CA GLY A 86 6.39 1.15 15.43
C GLY A 86 5.70 2.35 16.05
N LYS A 87 5.73 3.48 15.36
CA LYS A 87 5.00 4.66 15.76
C LYS A 87 3.67 4.70 15.01
N GLU A 88 2.59 4.94 15.74
CA GLU A 88 1.26 5.05 15.14
C GLU A 88 1.17 6.43 14.49
N ILE A 89 1.52 6.50 13.20
CA ILE A 89 1.72 7.78 12.53
C ILE A 89 0.41 8.40 12.04
N TYR A 90 -0.67 7.63 12.00
CA TYR A 90 -1.96 8.11 11.51
C TYR A 90 -3.06 7.46 12.32
N ARG A 91 -4.14 8.21 12.57
CA ARG A 91 -5.29 7.63 13.25
C ARG A 91 -6.54 8.44 12.92
N LYS A 92 -7.61 7.72 12.57
CA LYS A 92 -8.92 8.33 12.30
C LYS A 92 -9.96 7.24 12.46
N SER A 93 -10.85 7.41 13.44
CA SER A 93 -11.85 6.39 13.80
C SER A 93 -11.09 5.08 14.08
N ASN A 94 -11.49 3.96 13.49
CA ASN A 94 -10.84 2.67 13.72
C ASN A 94 -9.83 2.35 12.63
N ILE A 95 -9.24 3.36 12.00
CA ILE A 95 -8.19 3.16 11.00
C ILE A 95 -6.93 3.82 11.50
N SER A 96 -5.85 3.05 11.59
CA SER A 96 -4.56 3.52 12.08
C SER A 96 -3.46 3.00 11.16
N VAL A 97 -2.36 3.75 11.10
CA VAL A 97 -1.20 3.38 10.30
C VAL A 97 0.04 3.47 11.18
N TYR A 98 0.97 2.52 11.00
CA TYR A 98 2.14 2.40 11.85
C TYR A 98 3.41 2.53 11.04
N GLU A 99 4.35 3.34 11.52
CA GLU A 99 5.64 3.52 10.88
C GLU A 99 6.66 2.64 11.59
N VAL A 100 7.27 1.72 10.86
CA VAL A 100 8.13 0.72 11.47
C VAL A 100 9.48 0.74 10.78
N ASP A 101 10.53 1.08 11.54
CA ASP A 101 11.86 0.97 10.97
C ASP A 101 12.42 -0.45 10.90
N GLY A 102 12.74 -0.83 9.67
CA GLY A 102 13.80 -1.79 9.33
C GLY A 102 15.09 -1.98 10.13
N LYS A 103 15.87 -1.10 10.53
CA LYS A 103 16.83 -1.31 11.62
C LYS A 103 16.35 -1.65 13.02
N ASP A 104 15.31 -0.95 13.48
CA ASP A 104 14.84 -1.09 14.86
C ASP A 104 13.98 -2.33 15.09
N HIS A 105 13.49 -2.97 14.04
CA HIS A 105 12.56 -4.10 14.18
C HIS A 105 12.84 -5.15 13.10
N LYS A 106 14.10 -5.57 13.01
CA LYS A 106 14.56 -6.48 11.97
C LYS A 106 13.65 -7.69 11.81
N ILE A 107 13.36 -8.39 12.90
CA ILE A 107 12.63 -9.65 12.81
C ILE A 107 11.20 -9.41 12.32
N TYR A 108 10.51 -8.42 12.89
CA TYR A 108 9.15 -8.11 12.46
C TYR A 108 9.09 -7.86 10.96
N CYS A 109 9.90 -6.93 10.48
CA CYS A 109 9.93 -6.62 9.06
C CYS A 109 10.44 -7.79 8.23
N GLN A 110 11.21 -8.70 8.82
CA GLN A 110 11.59 -9.91 8.09
C GLN A 110 10.40 -10.84 7.92
N ASN A 111 9.55 -10.97 8.95
CA ASN A 111 8.36 -11.81 8.83
C ASN A 111 7.32 -11.15 7.96
N LEU A 112 7.16 -9.83 8.06
CA LEU A 112 6.28 -9.10 7.16
C LEU A 112 6.59 -9.42 5.71
N CYS A 113 7.89 -9.44 5.37
CA CYS A 113 8.27 -9.61 3.97
C CYS A 113 7.98 -11.03 3.48
N LEU A 114 8.23 -12.03 4.31
CA LEU A 114 7.93 -13.41 3.91
C LEU A 114 6.43 -13.63 3.85
N LEU A 115 5.66 -12.95 4.71
CA LEU A 115 4.22 -12.89 4.52
C LEU A 115 3.86 -12.24 3.21
N ALA A 116 4.52 -11.14 2.87
CA ALA A 116 4.25 -10.45 1.63
C ALA A 116 4.55 -11.34 0.43
N LYS A 117 5.64 -12.13 0.49
CA LYS A 117 6.14 -12.87 -0.67
C LYS A 117 5.21 -14.02 -1.09
N LEU A 118 4.30 -14.48 -0.20
CA LEU A 118 3.28 -15.45 -0.61
C LEU A 118 2.31 -14.87 -1.62
N PHE A 119 2.16 -13.54 -1.63
CA PHE A 119 1.19 -12.88 -2.48
C PHE A 119 1.82 -11.88 -3.45
N LEU A 120 3.13 -11.78 -3.48
CA LEU A 120 3.84 -10.91 -4.42
C LEU A 120 4.94 -11.69 -5.13
N ASP A 121 5.10 -11.42 -6.42
CA ASP A 121 6.19 -11.99 -7.19
C ASP A 121 7.44 -11.11 -7.18
N HIS A 122 7.23 -9.80 -7.04
CA HIS A 122 8.29 -8.78 -6.93
C HIS A 122 9.68 -9.29 -6.55
N ASP A 128 17.76 -8.00 2.84
CA ASP A 128 17.86 -7.22 4.07
C ASP A 128 16.78 -6.16 4.12
N VAL A 129 16.15 -6.00 5.29
CA VAL A 129 15.08 -5.03 5.48
C VAL A 129 15.58 -3.70 6.05
N GLU A 130 16.83 -3.63 6.47
CA GLU A 130 17.31 -2.42 7.15
C GLU A 130 17.21 -1.14 6.34
N PRO A 131 17.39 -1.12 4.99
CA PRO A 131 17.28 0.16 4.27
C PRO A 131 15.86 0.67 4.10
N PHE A 132 14.86 0.00 4.70
CA PHE A 132 13.47 0.30 4.40
C PHE A 132 12.72 0.75 5.64
N VAL A 133 11.62 1.47 5.39
CA VAL A 133 10.60 1.76 6.39
C VAL A 133 9.30 1.12 5.91
N PHE A 134 8.49 0.67 6.86
CA PHE A 134 7.31 -0.15 6.56
C PHE A 134 6.09 0.52 7.18
N TYR A 135 5.04 0.66 6.38
CA TYR A 135 3.83 1.35 6.79
C TYR A 135 2.67 0.36 6.82
N ILE A 136 2.13 0.13 8.01
CA ILE A 136 1.24 -0.99 8.30
C ILE A 136 -0.17 -0.43 8.42
N LEU A 137 -1.06 -0.85 7.52
CA LEU A 137 -2.46 -0.47 7.58
C LEU A 137 -3.21 -1.42 8.51
N THR A 138 -3.96 -0.86 9.45
CA THR A 138 -4.73 -1.65 10.39
C THR A 138 -6.10 -1.02 10.60
N GLU A 139 -7.11 -1.87 10.77
CA GLU A 139 -8.38 -1.47 11.34
C GLU A 139 -8.47 -2.02 12.75
N VAL A 140 -8.84 -1.17 13.70
CA VAL A 140 -8.74 -1.48 15.13
C VAL A 140 -10.11 -1.82 15.68
N ASP A 141 -10.12 -2.62 16.73
CA ASP A 141 -11.32 -2.89 17.51
C ASP A 141 -10.90 -3.05 18.97
N ARG A 142 -11.72 -3.76 19.75
CA ARG A 142 -11.42 -3.93 21.18
C ARG A 142 -10.17 -4.78 21.37
N GLN A 143 -9.95 -5.76 20.50
CA GLN A 143 -8.85 -6.70 20.71
C GLN A 143 -7.50 -6.11 20.32
N GLY A 144 -7.44 -5.32 19.26
CA GLY A 144 -6.19 -4.68 18.90
C GLY A 144 -6.26 -4.11 17.49
N ALA A 145 -5.08 -3.75 16.99
CA ALA A 145 -4.93 -3.20 15.65
C ALA A 145 -4.59 -4.34 14.70
N HIS A 146 -5.55 -4.73 13.86
CA HIS A 146 -5.41 -5.90 12.99
C HIS A 146 -4.85 -5.48 11.64
N ILE A 147 -3.82 -6.19 11.18
CA ILE A 147 -3.14 -5.84 9.94
C ILE A 147 -4.04 -6.18 8.76
N VAL A 148 -4.06 -5.28 7.77
CA VAL A 148 -4.91 -5.38 6.60
C VAL A 148 -4.02 -5.32 5.36
N GLY A 149 -2.99 -4.51 5.43
CA GLY A 149 -2.06 -4.36 4.33
C GLY A 149 -0.92 -3.47 4.77
N TYR A 150 0.10 -3.41 3.92
CA TYR A 150 1.28 -2.63 4.23
C TYR A 150 1.85 -2.09 2.93
N PHE A 151 2.72 -1.09 3.06
CA PHE A 151 3.67 -0.81 1.99
C PHE A 151 5.01 -0.44 2.61
N SER A 152 6.07 -0.79 1.89
CA SER A 152 7.43 -0.44 2.24
C SER A 152 7.94 0.66 1.32
N LYS A 153 9.09 1.21 1.66
CA LYS A 153 9.66 2.30 0.89
C LYS A 153 11.08 2.59 1.37
N GLU A 154 11.93 2.94 0.41
CA GLU A 154 13.33 3.24 0.69
C GLU A 154 13.45 4.56 1.46
N LYS A 155 14.05 4.48 2.65
CA LYS A 155 14.35 5.62 3.51
C LYS A 155 14.81 6.83 2.71
N GLU A 156 15.71 6.59 1.75
CA GLU A 156 16.10 7.58 0.76
C GLU A 156 16.15 6.88 -0.59
N SER A 157 15.33 7.33 -1.52
CA SER A 157 15.25 6.66 -2.82
C SER A 157 15.97 7.48 -3.88
N PRO A 158 16.87 6.87 -4.63
CA PRO A 158 17.61 7.64 -5.64
C PRO A 158 16.89 7.90 -6.95
N ASP A 159 16.20 6.88 -7.45
CA ASP A 159 15.27 6.94 -8.58
C ASP A 159 13.89 7.39 -8.09
N GLY A 160 13.81 7.98 -6.89
CA GLY A 160 12.58 8.52 -6.37
C GLY A 160 11.43 7.55 -6.39
N ASN A 161 11.64 6.36 -5.82
CA ASN A 161 10.56 5.41 -5.62
C ASN A 161 10.01 5.63 -4.21
N ASN A 162 8.81 6.22 -4.12
CA ASN A 162 8.15 6.42 -2.85
C ASN A 162 7.37 5.19 -2.39
N VAL A 163 7.34 4.14 -3.20
CA VAL A 163 6.83 2.82 -2.80
C VAL A 163 7.77 1.76 -3.37
N ALA A 164 8.24 0.86 -2.51
CA ALA A 164 8.99 -0.32 -2.95
C ALA A 164 8.07 -1.52 -3.14
N CYS A 165 7.34 -1.90 -2.09
CA CYS A 165 6.35 -2.98 -2.14
C CYS A 165 5.04 -2.46 -1.58
N ILE A 166 3.92 -2.93 -2.13
CA ILE A 166 2.61 -2.57 -1.61
C ILE A 166 1.72 -3.80 -1.78
N LEU A 167 0.79 -3.98 -0.84
CA LEU A 167 0.03 -5.21 -0.77
C LEU A 167 -1.17 -5.08 0.15
N THR A 168 -2.34 -5.43 -0.35
CA THR A 168 -3.52 -5.66 0.47
C THR A 168 -3.69 -7.15 0.61
N LEU A 169 -3.82 -7.63 1.84
CA LEU A 169 -3.98 -9.06 2.06
C LEU A 169 -5.23 -9.55 1.32
N PRO A 170 -5.17 -10.73 0.70
CA PRO A 170 -6.28 -11.23 -0.14
C PRO A 170 -7.66 -11.01 0.46
N PRO A 171 -7.92 -11.38 1.72
CA PRO A 171 -9.29 -11.23 2.24
C PRO A 171 -9.77 -9.79 2.30
N TYR A 172 -8.88 -8.82 2.11
CA TYR A 172 -9.23 -7.40 2.22
C TYR A 172 -9.20 -6.67 0.88
N GLN A 173 -8.81 -7.33 -0.20
CA GLN A 173 -8.65 -6.65 -1.47
C GLN A 173 -9.99 -6.18 -2.02
N ARG A 174 -9.92 -5.15 -2.87
CA ARG A 174 -11.10 -4.59 -3.54
C ARG A 174 -12.13 -4.09 -2.53
N ARG A 175 -11.64 -3.49 -1.43
CA ARG A 175 -12.51 -2.82 -0.47
C ARG A 175 -12.03 -1.39 -0.20
N GLY A 176 -11.06 -0.89 -0.97
CA GLY A 176 -10.53 0.44 -0.77
C GLY A 176 -9.25 0.51 0.03
N TYR A 177 -8.84 -0.59 0.67
CA TYR A 177 -7.61 -0.56 1.47
C TYR A 177 -6.39 -0.31 0.60
N GLY A 178 -6.34 -0.94 -0.58
CA GLY A 178 -5.19 -0.74 -1.46
C GLY A 178 -5.08 0.68 -1.97
N LYS A 179 -6.21 1.26 -2.42
CA LYS A 179 -6.20 2.65 -2.83
C LYS A 179 -5.95 3.59 -1.66
N PHE A 180 -6.23 3.14 -0.43
CA PHE A 180 -5.87 3.94 0.74
C PHE A 180 -4.37 3.94 0.94
N LEU A 181 -3.74 2.77 0.88
CA LEU A 181 -2.29 2.67 0.99
C LEU A 181 -1.61 3.58 -0.03
N ILE A 182 -2.08 3.53 -1.28
CA ILE A 182 -1.52 4.37 -2.33
C ILE A 182 -1.67 5.84 -1.97
N ALA A 183 -2.88 6.25 -1.58
CA ALA A 183 -3.11 7.64 -1.20
C ALA A 183 -2.19 8.07 -0.06
N PHE A 184 -1.92 7.15 0.87
CA PHE A 184 -1.06 7.49 2.00
C PHE A 184 0.38 7.69 1.56
N SER A 185 0.86 6.90 0.58
CA SER A 185 2.24 7.03 0.12
C SER A 185 2.48 8.36 -0.56
N TYR A 186 1.46 8.91 -1.23
CA TYR A 186 1.64 10.19 -1.91
C TYR A 186 1.50 11.36 -0.96
N GLU A 187 0.71 11.23 0.11
CA GLU A 187 0.65 12.28 1.12
C GLU A 187 1.98 12.38 1.86
N LEU A 188 2.64 11.24 2.10
CA LEU A 188 4.00 11.26 2.61
C LEU A 188 4.93 12.03 1.69
N SER A 189 4.87 11.71 0.39
CA SER A 189 5.67 12.43 -0.60
C SER A 189 5.37 13.93 -0.56
N LYS A 190 4.10 14.28 -0.40
CA LYS A 190 3.72 15.70 -0.39
C LYS A 190 4.33 16.41 0.81
N LEU A 191 4.23 15.82 2.00
CA LEU A 191 4.90 16.36 3.17
C LEU A 191 6.41 16.40 3.01
N GLU A 192 6.96 15.75 1.99
CA GLU A 192 8.39 15.63 1.76
C GLU A 192 8.92 16.59 0.70
N SER A 193 8.06 17.40 0.08
CA SER A 193 8.47 18.27 -1.02
C SER A 193 9.17 17.47 -2.12
N THR A 194 8.56 16.34 -2.49
CA THR A 194 9.13 15.49 -3.52
C THR A 194 7.99 14.77 -4.24
N VAL A 195 8.26 14.39 -5.49
CA VAL A 195 7.36 13.53 -6.24
C VAL A 195 7.90 12.11 -6.19
N GLY A 196 7.00 11.13 -6.32
CA GLY A 196 7.37 9.74 -6.20
C GLY A 196 6.60 8.89 -7.19
N SER A 197 6.97 7.62 -7.24
CA SER A 197 6.39 6.65 -8.16
C SER A 197 6.68 5.27 -7.60
N PRO A 198 5.77 4.31 -7.74
CA PRO A 198 6.04 2.99 -7.17
C PRO A 198 7.10 2.26 -7.99
N GLU A 199 7.94 1.52 -7.28
CA GLU A 199 8.89 0.63 -7.93
C GLU A 199 8.13 -0.37 -8.80
N LYS A 200 8.76 -0.77 -9.91
CA LYS A 200 8.13 -1.69 -10.85
C LYS A 200 8.81 -3.05 -10.78
N PRO A 201 8.08 -4.14 -11.11
CA PRO A 201 6.72 -4.12 -11.65
C PRO A 201 5.60 -4.13 -10.62
N LEU A 202 4.42 -3.76 -11.07
CA LEU A 202 3.20 -3.81 -10.26
C LEU A 202 2.41 -5.06 -10.61
N SER A 203 1.76 -5.64 -9.60
CA SER A 203 0.83 -6.73 -9.87
C SER A 203 -0.34 -6.20 -10.71
N ASP A 204 -1.09 -7.13 -11.30
CA ASP A 204 -2.25 -6.74 -12.07
C ASP A 204 -3.19 -5.87 -11.24
N LEU A 205 -3.40 -6.25 -9.98
CA LEU A 205 -4.13 -5.40 -9.05
C LEU A 205 -3.43 -4.05 -8.88
N GLY A 206 -2.11 -4.07 -8.74
CA GLY A 206 -1.32 -2.87 -8.61
C GLY A 206 -1.55 -1.88 -9.73
N LYS A 207 -1.44 -2.34 -10.98
CA LYS A 207 -1.77 -1.49 -12.13
C LYS A 207 -3.15 -0.87 -11.95
N LEU A 208 -4.17 -1.71 -11.74
CA LEU A 208 -5.54 -1.22 -11.65
C LEU A 208 -5.68 -0.16 -10.56
N SER A 209 -5.17 -0.44 -9.36
CA SER A 209 -5.34 0.48 -8.24
C SER A 209 -4.69 1.84 -8.52
N TYR A 210 -3.58 1.85 -9.26
CA TYR A 210 -2.85 3.10 -9.46
C TYR A 210 -3.49 3.98 -10.51
N ARG A 211 -3.93 3.41 -11.63
CA ARG A 211 -4.66 4.20 -12.63
C ARG A 211 -5.91 4.82 -12.00
N SER A 212 -6.60 4.05 -11.16
CA SER A 212 -7.80 4.55 -10.50
C SER A 212 -7.49 5.70 -9.57
N TYR A 213 -6.51 5.52 -8.68
CA TYR A 213 -6.14 6.59 -7.76
C TYR A 213 -5.67 7.82 -8.52
N TRP A 214 -4.77 7.63 -9.49
CA TRP A 214 -4.27 8.74 -10.28
C TRP A 214 -5.40 9.48 -10.98
N SER A 215 -6.30 8.73 -11.61
CA SER A 215 -7.38 9.36 -12.38
C SER A 215 -8.30 10.16 -11.46
N TRP A 216 -8.75 9.55 -10.37
CA TRP A 216 -9.64 10.25 -9.43
C TRP A 216 -9.03 11.55 -8.94
N VAL A 217 -7.73 11.50 -8.59
CA VAL A 217 -7.07 12.69 -8.07
C VAL A 217 -7.00 13.78 -9.13
N LEU A 218 -6.57 13.42 -10.33
CA LEU A 218 -6.38 14.41 -11.38
C LEU A 218 -7.71 15.01 -11.83
N LEU A 219 -8.73 14.17 -12.01
CA LEU A 219 -10.02 14.66 -12.46
C LEU A 219 -10.60 15.67 -11.47
N GLU A 220 -10.56 15.34 -10.17
CA GLU A 220 -11.11 16.25 -9.17
C GLU A 220 -10.41 17.60 -9.20
N ILE A 221 -9.10 17.60 -9.45
CA ILE A 221 -8.38 18.85 -9.66
C ILE A 221 -8.93 19.59 -10.87
N LEU A 222 -8.99 18.90 -12.01
CA LEU A 222 -9.50 19.49 -13.24
C LEU A 222 -10.99 19.79 -13.18
N ARG A 223 -11.67 19.38 -12.11
CA ARG A 223 -13.09 19.72 -11.93
C ARG A 223 -13.25 21.13 -11.38
N ASP A 224 -12.33 21.56 -10.53
CA ASP A 224 -12.41 22.88 -9.89
C ASP A 224 -11.52 23.90 -10.59
N PHE A 225 -10.22 23.65 -10.63
CA PHE A 225 -9.27 24.61 -11.17
C PHE A 225 -9.31 24.66 -12.69
N THR A 228 -6.30 25.64 -16.57
CA THR A 228 -5.41 26.77 -16.31
C THR A 228 -4.09 26.30 -15.71
N LEU A 229 -3.98 25.00 -15.46
CA LEU A 229 -2.83 24.41 -14.80
C LEU A 229 -1.99 23.62 -15.79
N SER A 230 -0.68 23.63 -15.60
CA SER A 230 0.22 22.84 -16.42
C SER A 230 0.39 21.44 -15.82
N ILE A 231 1.14 20.59 -16.54
CA ILE A 231 1.44 19.26 -16.02
C ILE A 231 2.42 19.36 -14.86
N LYS A 232 3.49 20.15 -15.03
CA LYS A 232 4.41 20.41 -13.93
C LYS A 232 3.68 20.92 -12.70
N ASP A 233 2.59 21.67 -12.91
CA ASP A 233 1.82 22.19 -11.79
C ASP A 233 0.98 21.09 -11.14
N LEU A 234 0.34 20.24 -11.95
CA LEU A 234 -0.38 19.09 -11.39
C LEU A 234 0.54 18.20 -10.57
N SER A 235 1.77 17.99 -11.06
CA SER A 235 2.73 17.17 -10.33
C SER A 235 3.09 17.79 -9.00
N GLN A 236 3.21 19.12 -8.96
CA GLN A 236 3.57 19.80 -7.71
C GLN A 236 2.45 19.72 -6.69
N MET A 237 1.19 19.68 -7.14
CA MET A 237 0.08 19.57 -6.20
C MET A 237 -0.02 18.18 -5.61
N THR A 238 0.35 17.15 -6.37
CA THR A 238 -0.05 15.78 -6.07
C THR A 238 1.10 14.83 -5.79
N SER A 239 2.36 15.25 -5.98
CA SER A 239 3.54 14.40 -5.85
C SER A 239 3.57 13.26 -6.85
N ILE A 240 2.64 13.22 -7.79
CA ILE A 240 2.65 12.24 -8.87
C ILE A 240 3.66 12.69 -9.92
N THR A 241 4.47 11.76 -10.42
CA THR A 241 5.41 12.11 -11.48
C THR A 241 4.65 12.57 -12.72
N GLN A 242 5.32 13.41 -13.52
CA GLN A 242 4.69 13.93 -14.72
C GLN A 242 4.41 12.82 -15.73
N ASN A 243 5.36 11.88 -15.89
CA ASN A 243 5.10 10.72 -16.73
C ASN A 243 3.86 9.97 -16.28
N ASP A 244 3.65 9.88 -14.96
CA ASP A 244 2.45 9.23 -14.45
C ASP A 244 1.21 10.10 -14.68
N ILE A 245 1.36 11.41 -14.55
CA ILE A 245 0.27 12.32 -14.89
C ILE A 245 -0.05 12.21 -16.38
N ILE A 246 0.97 12.32 -17.22
CA ILE A 246 0.77 12.32 -18.67
C ILE A 246 0.02 11.07 -19.11
N SER A 247 0.46 9.90 -18.65
CA SER A 247 -0.13 8.65 -19.12
C SER A 247 -1.55 8.46 -18.63
N THR A 248 -1.90 9.04 -17.48
CA THR A 248 -3.28 8.95 -17.00
C THR A 248 -4.21 9.86 -17.81
N LEU A 249 -3.86 11.14 -17.91
CA LEU A 249 -4.60 12.05 -18.79
C LEU A 249 -4.61 11.54 -20.22
N GLN A 250 -3.50 10.96 -20.68
CA GLN A 250 -3.47 10.21 -21.92
C GLN A 250 -4.57 9.16 -21.96
N SER A 251 -4.64 8.34 -20.90
CA SER A 251 -5.63 7.25 -20.86
C SER A 251 -7.04 7.81 -20.82
N LEU A 252 -7.24 8.94 -20.15
CA LEU A 252 -8.53 9.59 -20.10
C LEU A 252 -8.83 10.39 -21.36
N ASN A 253 -7.88 10.44 -22.31
CA ASN A 253 -7.98 11.27 -23.50
C ASN A 253 -8.30 12.72 -23.12
N MET A 254 -7.40 13.31 -22.32
CA MET A 254 -7.57 14.67 -21.84
C MET A 254 -6.33 15.51 -22.07
N VAL A 255 -5.41 15.04 -22.91
CA VAL A 255 -4.19 15.79 -23.24
C VAL A 255 -4.07 15.85 -24.76
N LYS A 256 -3.70 17.03 -25.26
CA LYS A 256 -3.31 17.19 -26.66
C LYS A 256 -1.79 17.25 -26.74
N TYR A 257 -1.26 16.89 -27.90
CA TYR A 257 0.18 16.90 -28.14
C TYR A 257 0.48 18.01 -29.14
N TRP A 258 1.31 18.97 -28.74
CA TRP A 258 1.61 20.14 -29.57
C TRP A 258 3.11 20.37 -29.62
N LYS A 259 3.73 19.98 -30.74
CA LYS A 259 5.14 20.26 -31.03
C LYS A 259 6.03 19.77 -29.89
N GLY A 260 6.00 18.46 -29.66
CA GLY A 260 6.79 17.88 -28.60
C GLY A 260 6.39 18.28 -27.19
N GLN A 261 5.20 18.83 -27.01
CA GLN A 261 4.70 19.23 -25.70
C GLN A 261 3.35 18.58 -25.44
N HIS A 262 3.18 18.06 -24.23
CA HIS A 262 1.88 17.59 -23.76
C HIS A 262 1.13 18.77 -23.18
N VAL A 263 -0.15 18.90 -23.55
CA VAL A 263 -0.96 20.05 -23.16
C VAL A 263 -2.31 19.56 -22.65
N ILE A 264 -2.69 20.04 -21.45
CA ILE A 264 -3.99 19.71 -20.88
C ILE A 264 -5.09 20.27 -21.78
N CYS A 265 -6.11 19.45 -22.04
CA CYS A 265 -7.24 19.85 -22.88
C CYS A 265 -8.42 18.95 -22.53
N VAL A 266 -9.30 19.46 -21.68
CA VAL A 266 -10.39 18.67 -21.12
C VAL A 266 -11.65 19.53 -21.08
N THR A 267 -12.76 18.93 -21.51
CA THR A 267 -14.09 19.47 -21.27
C THR A 267 -14.56 19.08 -19.87
N PRO A 268 -15.05 20.03 -19.06
CA PRO A 268 -15.62 19.68 -17.75
C PRO A 268 -16.76 18.68 -17.82
N LYS A 269 -17.40 18.57 -18.98
CA LYS A 269 -18.44 17.56 -19.17
C LYS A 269 -17.82 16.16 -19.12
N LEU A 270 -16.86 15.89 -20.01
CA LEU A 270 -16.17 14.61 -19.99
C LEU A 270 -15.48 14.35 -18.66
N VAL A 271 -14.97 15.40 -18.01
CA VAL A 271 -14.46 15.23 -16.66
C VAL A 271 -15.49 14.49 -15.80
N GLU A 272 -16.65 15.12 -15.57
CA GLU A 272 -17.66 14.54 -14.69
C GLU A 272 -18.13 13.15 -15.18
N GLU A 273 -18.24 12.96 -16.49
CA GLU A 273 -18.63 11.65 -17.00
C GLU A 273 -17.68 10.56 -16.50
N HIS A 274 -16.38 10.86 -16.51
CA HIS A 274 -15.39 9.89 -16.04
C HIS A 274 -15.51 9.63 -14.54
N LEU A 275 -15.95 10.63 -13.76
CA LEU A 275 -16.01 10.43 -12.31
C LEU A 275 -17.10 9.45 -11.88
N LYS A 276 -18.17 9.31 -12.67
CA LYS A 276 -19.19 8.32 -12.33
C LYS A 276 -18.77 6.91 -12.69
N SER A 277 -17.69 6.75 -13.45
CA SER A 277 -17.21 5.42 -13.79
C SER A 277 -16.75 4.69 -12.54
N ALA A 278 -17.16 3.43 -12.39
CA ALA A 278 -16.71 2.62 -11.27
C ALA A 278 -15.20 2.49 -11.25
N GLN A 279 -14.55 2.62 -12.41
CA GLN A 279 -13.10 2.57 -12.47
C GLN A 279 -12.47 3.76 -11.75
N TYR A 280 -13.14 4.91 -11.73
CA TYR A 280 -12.58 6.12 -11.16
C TYR A 280 -13.41 6.73 -10.05
N LYS A 281 -14.52 6.11 -9.66
CA LYS A 281 -15.34 6.60 -8.56
C LYS A 281 -14.48 6.81 -7.32
N LYS A 282 -14.87 7.79 -6.50
CA LYS A 282 -14.13 8.10 -5.27
C LYS A 282 -13.91 6.82 -4.46
N PRO A 283 -12.70 6.63 -3.91
CA PRO A 283 -12.48 5.45 -3.08
C PRO A 283 -13.30 5.52 -1.81
N PRO A 284 -13.77 4.39 -1.29
CA PRO A 284 -14.67 4.44 -0.12
C PRO A 284 -14.01 4.98 1.14
N ILE A 285 -12.69 4.90 1.27
CA ILE A 285 -12.00 5.31 2.49
C ILE A 285 -10.82 6.18 2.09
N THR A 286 -10.62 7.28 2.82
CA THR A 286 -9.81 8.39 2.33
C THR A 286 -8.91 8.93 3.42
N VAL A 287 -7.77 9.48 2.99
CA VAL A 287 -6.71 9.93 3.90
C VAL A 287 -7.00 11.36 4.34
N ASP A 288 -7.30 11.54 5.63
CA ASP A 288 -7.50 12.86 6.20
C ASP A 288 -6.13 13.43 6.57
N SER A 289 -5.67 14.43 5.80
CA SER A 289 -4.35 15.00 6.03
C SER A 289 -4.21 15.60 7.44
N VAL A 290 -5.31 16.08 8.00
CA VAL A 290 -5.29 16.56 9.38
C VAL A 290 -4.89 15.43 10.33
N CYS A 291 -5.42 14.24 10.09
CA CYS A 291 -5.19 13.08 10.95
C CYS A 291 -3.84 12.41 10.72
N LEU A 292 -2.98 12.97 9.88
CA LEU A 292 -1.63 12.44 9.66
C LEU A 292 -0.64 13.29 10.44
N LYS A 293 0.09 12.64 11.35
CA LYS A 293 1.02 13.32 12.25
C LYS A 293 2.42 12.76 12.01
N TRP A 294 3.02 13.18 10.89
CA TRP A 294 4.30 12.65 10.44
C TRP A 294 5.26 13.82 10.22
N ALA A 295 6.56 13.51 10.26
CA ALA A 295 7.62 14.50 10.10
C ALA A 295 8.62 13.99 9.07
N PRO A 296 8.97 14.80 8.06
CA PRO A 296 9.94 14.35 7.04
C PRO A 296 11.29 13.97 7.65
ZN ZN B . 3.27 -12.51 18.87
CL CL C . -8.31 -0.70 -3.48
CL CL D . -7.55 -17.84 0.19
#